data_7DB3
#
_entry.id   7DB3
#
_cell.length_a   58.110
_cell.length_b   75.230
_cell.length_c   108.510
_cell.angle_alpha   90.000
_cell.angle_beta   90.000
_cell.angle_gamma   90.000
#
_symmetry.space_group_name_H-M   'P 21 21 21'
#
loop_
_entity.id
_entity.type
_entity.pdbx_description
1 polymer 'Glutathione S-transferase E14'
2 non-polymer 4-bromanyl-2-[[2-[(E)-1-(3-methoxyphenyl)ethylideneamino]propan-2-ylamino]methyl]phenol
3 non-polymer GLUTATHIONE
4 non-polymer 'DIMETHYL SULFOXIDE'
5 water water
#
_entity_poly.entity_id   1
_entity_poly.type   'polypeptide(L)'
_entity_poly.pdbx_seq_one_letter_code
;MNHKVHMMSQPKPILYYDERSPPVRSCLMLIKLLDIDVELRFVNLFKGEQFQKDFLALNPQHSVPTLVHGDLVLTDSHAI
LIHLAEKFDEGGSLWPQEHAERMKVLNLLLFECSFLFRRDSDFMSAIVRQGFANVDVAHHERKLTEAYIIMERYLENSDF
MAGPQLTLADLSIVTTLSTVNLMFPLSQFPRLRRWFTAMQQLDAYEANCSGLEKLRQTMESVGSFQFPSSSAVVTEKVE
;
_entity_poly.pdbx_strand_id   A,B
#
# COMPACT_ATOMS: atom_id res chain seq x y z
N PRO A 11 6.92 -27.98 0.78
CA PRO A 11 6.22 -27.58 2.01
C PRO A 11 4.93 -26.79 1.72
N LYS A 12 3.86 -27.17 2.42
CA LYS A 12 2.53 -26.60 2.22
C LYS A 12 2.44 -25.22 2.87
N PRO A 13 1.79 -24.26 2.22
CA PRO A 13 1.79 -22.88 2.74
C PRO A 13 1.14 -22.79 4.11
N ILE A 14 1.65 -21.87 4.92
CA ILE A 14 1.13 -21.61 6.26
C ILE A 14 0.64 -20.17 6.30
N LEU A 15 -0.64 -19.98 6.63
CA LEU A 15 -1.21 -18.64 6.71
C LEU A 15 -1.49 -18.27 8.17
N TYR A 16 -0.78 -17.26 8.67
CA TYR A 16 -1.09 -16.67 9.96
C TYR A 16 -2.20 -15.65 9.77
N TYR A 17 -3.28 -15.78 10.54
CA TYR A 17 -4.51 -15.12 10.15
C TYR A 17 -5.35 -14.75 11.36
N ASP A 18 -6.13 -13.70 11.16
CA ASP A 18 -7.31 -13.39 11.96
C ASP A 18 -8.36 -12.99 10.93
N GLU A 19 -9.43 -13.78 10.82
CA GLU A 19 -10.38 -13.59 9.74
C GLU A 19 -11.14 -12.27 9.86
N ARG A 20 -11.01 -11.56 10.98
CA ARG A 20 -11.64 -10.25 11.06
C ARG A 20 -10.94 -9.25 10.15
N SER A 21 -9.69 -9.53 9.79
CA SER A 21 -8.88 -8.64 8.95
C SER A 21 -9.32 -8.75 7.50
N PRO A 22 -9.69 -7.64 6.85
CA PRO A 22 -10.08 -7.72 5.43
C PRO A 22 -8.97 -8.30 4.56
N PRO A 23 -7.71 -7.86 4.72
CA PRO A 23 -6.65 -8.47 3.89
C PRO A 23 -6.50 -9.95 4.11
N VAL A 24 -6.77 -10.44 5.32
CA VAL A 24 -6.80 -11.89 5.55
C VAL A 24 -7.91 -12.53 4.75
N ARG A 25 -9.11 -11.94 4.80
CA ARG A 25 -10.24 -12.52 4.10
C ARG A 25 -9.99 -12.56 2.60
N SER A 26 -9.22 -11.59 2.06
CA SER A 26 -8.90 -11.63 0.65
C SER A 26 -8.11 -12.88 0.33
N CYS A 27 -7.13 -13.21 1.17
CA CYS A 27 -6.35 -14.42 0.97
C CYS A 27 -7.21 -15.68 1.16
N LEU A 28 -8.09 -15.68 2.15
CA LEU A 28 -8.99 -16.82 2.36
C LEU A 28 -9.88 -17.05 1.15
N MET A 29 -10.36 -15.97 0.53
CA MET A 29 -11.16 -16.09 -0.69
C MET A 29 -10.34 -16.75 -1.80
N LEU A 30 -9.10 -16.32 -1.99
CA LEU A 30 -8.30 -16.91 -3.05
C LEU A 30 -8.00 -18.37 -2.75
N ILE A 31 -7.73 -18.68 -1.48
CA ILE A 31 -7.46 -20.07 -1.10
C ILE A 31 -8.68 -20.95 -1.39
N LYS A 32 -9.88 -20.46 -1.08
CA LYS A 32 -11.08 -21.23 -1.40
C LYS A 32 -11.29 -21.34 -2.90
N LEU A 33 -11.11 -20.22 -3.62
CA LEU A 33 -11.37 -20.21 -5.05
C LEU A 33 -10.50 -21.21 -5.79
N LEU A 34 -9.25 -21.37 -5.36
CA LEU A 34 -8.30 -22.24 -6.05
C LEU A 34 -8.12 -23.58 -5.34
N ASP A 35 -8.86 -23.81 -4.26
CA ASP A 35 -8.75 -25.03 -3.46
C ASP A 35 -7.30 -25.32 -3.08
N ILE A 36 -6.64 -24.30 -2.55
CA ILE A 36 -5.26 -24.45 -2.09
C ILE A 36 -5.27 -25.07 -0.70
N ASP A 37 -4.44 -26.08 -0.50
CA ASP A 37 -4.28 -26.70 0.82
C ASP A 37 -3.29 -25.85 1.61
N VAL A 38 -3.76 -25.19 2.65
CA VAL A 38 -2.95 -24.25 3.44
C VAL A 38 -3.22 -24.49 4.91
N GLU A 39 -2.17 -24.55 5.72
CA GLU A 39 -2.33 -24.66 7.15
C GLU A 39 -2.65 -23.29 7.74
N LEU A 40 -3.70 -23.22 8.55
CA LEU A 40 -4.12 -21.98 9.17
C LEU A 40 -3.59 -21.90 10.60
N ARG A 41 -3.00 -20.76 10.94
CA ARG A 41 -2.54 -20.49 12.30
C ARG A 41 -3.15 -19.18 12.78
N PHE A 42 -4.03 -19.26 13.77
CA PHE A 42 -4.75 -18.11 14.24
C PHE A 42 -3.88 -17.22 15.12
N VAL A 43 -3.91 -15.92 14.82
CA VAL A 43 -3.28 -14.87 15.62
C VAL A 43 -4.38 -13.91 16.04
N ASN A 44 -4.73 -13.90 17.32
CA ASN A 44 -5.87 -13.10 17.77
C ASN A 44 -5.43 -11.67 17.93
N LEU A 45 -5.81 -10.82 16.96
CA LEU A 45 -5.44 -9.41 16.98
C LEU A 45 -6.11 -8.66 18.13
N PHE A 46 -7.33 -9.07 18.50
CA PHE A 46 -8.01 -8.42 19.60
C PHE A 46 -7.25 -8.61 20.90
N LYS A 47 -6.58 -9.75 21.06
CA LYS A 47 -5.79 -10.05 22.24
C LYS A 47 -4.34 -9.63 22.09
N GLY A 48 -4.00 -8.92 21.02
CA GLY A 48 -2.63 -8.49 20.80
C GLY A 48 -1.65 -9.62 20.58
N GLU A 49 -2.12 -10.77 20.09
CA GLU A 49 -1.22 -11.89 19.89
C GLU A 49 -0.20 -11.64 18.79
N GLN A 50 -0.41 -10.63 17.95
CA GLN A 50 0.58 -10.29 16.94
C GLN A 50 1.83 -9.70 17.54
N PHE A 51 1.82 -9.37 18.83
CA PHE A 51 2.99 -8.85 19.51
C PHE A 51 3.73 -9.93 20.30
N GLN A 52 3.27 -11.19 20.23
CA GLN A 52 4.03 -12.29 20.79
C GLN A 52 5.41 -12.33 20.17
N LYS A 53 6.42 -12.61 21.01
CA LYS A 53 7.82 -12.50 20.58
C LYS A 53 8.09 -13.30 19.32
N ASP A 54 7.56 -14.53 19.25
CA ASP A 54 7.81 -15.40 18.10
C ASP A 54 7.21 -14.83 16.82
N PHE A 55 6.02 -14.23 16.91
CA PHE A 55 5.42 -13.71 15.67
C PHE A 55 6.09 -12.41 15.22
N LEU A 56 6.46 -11.51 16.14
CA LEU A 56 7.29 -10.36 15.75
C LEU A 56 8.59 -10.78 15.08
N ALA A 57 9.26 -11.80 15.62
CA ALA A 57 10.49 -12.25 14.97
C ALA A 57 10.21 -12.68 13.54
N LEU A 58 9.03 -13.26 13.29
CA LEU A 58 8.67 -13.68 11.95
C LEU A 58 8.26 -12.50 11.09
N ASN A 59 7.43 -11.60 11.64
CA ASN A 59 6.93 -10.44 10.92
C ASN A 59 7.04 -9.22 11.82
N PRO A 60 8.10 -8.43 11.67
CA PRO A 60 8.26 -7.23 12.52
C PRO A 60 7.17 -6.19 12.34
N GLN A 61 6.40 -6.26 11.26
CA GLN A 61 5.25 -5.37 11.09
C GLN A 61 4.04 -5.82 11.90
N HIS A 62 4.16 -6.95 12.61
CA HIS A 62 3.11 -7.52 13.45
C HIS A 62 1.73 -7.44 12.78
N SER A 63 1.65 -7.95 11.55
CA SER A 63 0.43 -7.86 10.78
C SER A 63 0.02 -9.21 10.24
N VAL A 64 -1.28 -9.39 10.07
CA VAL A 64 -1.84 -10.53 9.35
C VAL A 64 -2.60 -9.99 8.14
N PRO A 65 -2.57 -10.68 6.99
CA PRO A 65 -1.99 -12.02 6.85
C PRO A 65 -0.48 -12.03 6.74
N THR A 66 0.11 -13.12 7.23
CA THR A 66 1.50 -13.45 6.98
C THR A 66 1.53 -14.87 6.45
N LEU A 67 2.27 -15.08 5.36
CA LEU A 67 2.37 -16.40 4.74
C LEU A 67 3.80 -16.90 4.87
N VAL A 68 3.94 -18.13 5.34
CA VAL A 68 5.21 -18.85 5.32
C VAL A 68 5.03 -20.02 4.36
N HIS A 69 5.78 -20.01 3.28
CA HIS A 69 5.72 -21.05 2.26
C HIS A 69 7.15 -21.50 1.96
N GLY A 70 7.56 -22.61 2.56
CA GLY A 70 8.98 -22.95 2.53
C GLY A 70 9.79 -21.90 3.26
N ASP A 71 10.83 -21.40 2.59
CA ASP A 71 11.70 -20.36 3.14
C ASP A 71 11.16 -18.96 2.94
N LEU A 72 10.08 -18.82 2.16
CA LEU A 72 9.56 -17.51 1.79
C LEU A 72 8.58 -17.03 2.86
N VAL A 73 8.80 -15.80 3.34
CA VAL A 73 7.95 -15.19 4.35
C VAL A 73 7.39 -13.91 3.76
N LEU A 74 6.08 -13.91 3.51
CA LEU A 74 5.37 -12.75 2.95
C LEU A 74 4.55 -12.09 4.04
N THR A 75 4.61 -10.77 4.09
CA THR A 75 4.02 -10.02 5.20
C THR A 75 3.03 -8.99 4.70
N ASP A 76 2.45 -9.24 3.54
CA ASP A 76 1.47 -8.33 2.97
C ASP A 76 0.53 -9.13 2.08
N SER A 77 -0.79 -8.94 2.29
CA SER A 77 -1.79 -9.67 1.54
C SER A 77 -1.59 -9.57 0.04
N HIS A 78 -1.15 -8.41 -0.45
CA HIS A 78 -1.09 -8.24 -1.90
C HIS A 78 0.02 -9.08 -2.49
N ALA A 79 1.15 -9.21 -1.78
CA ALA A 79 2.18 -10.14 -2.21
C ALA A 79 1.71 -11.59 -2.06
N ILE A 80 0.97 -11.89 -1.00
CA ILE A 80 0.45 -13.25 -0.81
C ILE A 80 -0.48 -13.64 -1.96
N LEU A 81 -1.39 -12.73 -2.32
CA LEU A 81 -2.32 -13.02 -3.41
C LEU A 81 -1.56 -13.32 -4.70
N ILE A 82 -0.56 -12.48 -5.01
CA ILE A 82 0.20 -12.65 -6.24
C ILE A 82 1.00 -13.94 -6.20
N HIS A 83 1.68 -14.20 -5.09
CA HIS A 83 2.47 -15.42 -4.95
C HIS A 83 1.60 -16.67 -5.11
N LEU A 84 0.48 -16.73 -4.39
CA LEU A 84 -0.38 -17.89 -4.47
C LEU A 84 -0.97 -18.04 -5.87
N ALA A 85 -1.26 -16.93 -6.55
CA ALA A 85 -1.77 -17.04 -7.91
C ALA A 85 -0.71 -17.60 -8.84
N GLU A 86 0.54 -17.15 -8.69
CA GLU A 86 1.60 -17.62 -9.57
C GLU A 86 1.90 -19.10 -9.33
N LYS A 87 1.69 -19.59 -8.11
CA LYS A 87 2.01 -20.97 -7.77
C LYS A 87 0.85 -21.94 -7.94
N PHE A 88 -0.39 -21.49 -7.79
CA PHE A 88 -1.53 -22.38 -7.84
C PHE A 88 -2.53 -21.99 -8.92
N ASP A 89 -2.29 -20.90 -9.64
CA ASP A 89 -3.09 -20.54 -10.79
C ASP A 89 -2.18 -20.18 -11.96
N GLU A 90 -1.10 -20.95 -12.13
CA GLU A 90 -0.22 -20.93 -13.30
C GLU A 90 -1.03 -20.64 -14.56
N GLY A 91 -0.68 -19.60 -15.30
CA GLY A 91 -1.38 -19.32 -16.54
C GLY A 91 -2.85 -18.98 -16.43
N GLY A 92 -3.35 -18.80 -15.21
CA GLY A 92 -4.74 -18.45 -15.00
C GLY A 92 -5.01 -16.99 -15.32
N SER A 93 -6.28 -16.59 -15.10
CA SER A 93 -6.73 -15.24 -15.40
C SER A 93 -6.85 -14.34 -14.16
N LEU A 94 -6.72 -14.89 -12.96
CA LEU A 94 -6.78 -14.06 -11.76
C LEU A 94 -5.63 -13.07 -11.73
N TRP A 95 -4.47 -13.49 -12.23
CA TRP A 95 -3.25 -12.69 -12.27
C TRP A 95 -2.79 -12.80 -13.72
N PRO A 96 -3.35 -11.98 -14.61
CA PRO A 96 -3.32 -12.27 -16.04
C PRO A 96 -1.92 -12.33 -16.62
N GLN A 97 -1.78 -13.18 -17.66
CA GLN A 97 -0.48 -13.39 -18.29
C GLN A 97 -0.02 -12.16 -19.07
N GLU A 98 -0.94 -11.49 -19.76
CA GLU A 98 -0.56 -10.35 -20.60
C GLU A 98 -0.13 -9.18 -19.72
N HIS A 99 0.95 -8.51 -20.13
CA HIS A 99 1.60 -7.53 -19.26
C HIS A 99 0.69 -6.39 -18.87
N ALA A 100 0.03 -5.75 -19.86
CA ALA A 100 -0.80 -4.60 -19.54
C ALA A 100 -1.96 -4.99 -18.62
N GLU A 101 -2.56 -6.15 -18.85
CA GLU A 101 -3.64 -6.60 -17.97
C GLU A 101 -3.13 -6.85 -16.56
N ARG A 102 -1.94 -7.46 -16.45
CA ARG A 102 -1.37 -7.71 -15.14
C ARG A 102 -1.05 -6.42 -14.41
N MET A 103 -0.52 -5.43 -15.12
CA MET A 103 -0.24 -4.13 -14.49
C MET A 103 -1.52 -3.46 -14.01
N LYS A 104 -2.63 -3.63 -14.74
CA LYS A 104 -3.88 -3.06 -14.28
C LYS A 104 -4.31 -3.67 -12.96
N VAL A 105 -4.14 -4.99 -12.81
CA VAL A 105 -4.47 -5.66 -11.56
C VAL A 105 -3.55 -5.15 -10.45
N LEU A 106 -2.25 -5.11 -10.73
CA LEU A 106 -1.29 -4.60 -9.75
C LEU A 106 -1.64 -3.18 -9.34
N ASN A 107 -2.02 -2.35 -10.31
CA ASN A 107 -2.38 -0.97 -10.00
C ASN A 107 -3.53 -0.89 -9.00
N LEU A 108 -4.57 -1.72 -9.17
CA LEU A 108 -5.69 -1.71 -8.23
C LEU A 108 -5.36 -2.38 -6.91
N LEU A 109 -4.51 -3.39 -6.91
CA LEU A 109 -4.04 -3.94 -5.63
C LEU A 109 -3.39 -2.84 -4.79
N LEU A 110 -2.62 -1.98 -5.45
CA LEU A 110 -1.95 -0.90 -4.72
C LEU A 110 -2.93 0.20 -4.32
N PHE A 111 -3.95 0.47 -5.14
CA PHE A 111 -5.05 1.31 -4.69
C PHE A 111 -5.63 0.80 -3.37
N GLU A 112 -5.81 -0.52 -3.25
CA GLU A 112 -6.34 -1.06 -2.00
C GLU A 112 -5.39 -0.76 -0.84
N CYS A 113 -4.09 -0.95 -1.05
CA CYS A 113 -3.07 -0.59 -0.04
C CYS A 113 -3.07 0.89 0.27
N SER A 114 -2.93 1.72 -0.77
N SER A 114 -2.96 1.70 -0.77
CA SER A 114 -2.60 3.12 -0.56
CA SER A 114 -2.61 3.11 -0.60
C SER A 114 -3.81 3.96 -0.18
C SER A 114 -3.81 3.95 -0.19
N PHE A 115 -5.00 3.58 -0.64
CA PHE A 115 -6.20 4.42 -0.51
C PHE A 115 -7.29 3.75 0.30
N LEU A 116 -7.86 2.65 -0.20
CA LEU A 116 -9.06 2.11 0.41
C LEU A 116 -8.78 1.55 1.80
N PHE A 117 -7.81 0.64 1.92
CA PHE A 117 -7.54 0.08 3.24
C PHE A 117 -7.01 1.14 4.18
N ARG A 118 -6.12 2.01 3.71
CA ARG A 118 -5.59 3.05 4.57
C ARG A 118 -6.70 3.85 5.22
N ARG A 119 -7.69 4.27 4.43
CA ARG A 119 -8.77 5.09 4.94
C ARG A 119 -9.73 4.30 5.82
N ASP A 120 -10.00 3.04 5.47
CA ASP A 120 -10.90 2.27 6.32
C ASP A 120 -10.22 1.94 7.63
N SER A 121 -8.92 1.62 7.57
CA SER A 121 -8.12 1.42 8.78
C SER A 121 -8.12 2.67 9.66
N ASP A 122 -7.94 3.84 9.06
CA ASP A 122 -7.98 5.08 9.84
C ASP A 122 -9.31 5.22 10.58
N PHE A 123 -10.41 4.94 9.90
CA PHE A 123 -11.73 5.08 10.52
C PHE A 123 -11.94 4.04 11.63
N MET A 124 -11.62 2.77 11.35
CA MET A 124 -11.89 1.72 12.32
C MET A 124 -11.05 1.89 13.57
N SER A 125 -9.80 2.33 13.42
CA SER A 125 -8.93 2.49 14.58
C SER A 125 -9.36 3.69 15.42
N ALA A 126 -9.87 4.74 14.79
CA ALA A 126 -10.44 5.85 15.54
C ALA A 126 -11.58 5.37 16.43
N ILE A 127 -12.42 4.48 15.92
CA ILE A 127 -13.55 3.96 16.70
C ILE A 127 -13.06 3.27 17.97
N VAL A 128 -12.00 2.48 17.88
CA VAL A 128 -11.60 1.73 19.06
C VAL A 128 -10.80 2.61 20.03
N ARG A 129 -10.05 3.58 19.50
CA ARG A 129 -9.22 4.42 20.35
C ARG A 129 -10.01 5.54 20.99
N GLN A 130 -11.10 5.98 20.36
CA GLN A 130 -11.89 7.10 20.85
C GLN A 130 -13.29 6.73 21.26
N GLY A 131 -13.80 5.57 20.86
CA GLY A 131 -15.21 5.26 21.06
C GLY A 131 -16.04 5.81 19.93
N PHE A 132 -17.05 5.07 19.48
CA PHE A 132 -17.83 5.49 18.32
C PHE A 132 -18.46 6.86 18.52
N ALA A 133 -19.07 7.10 19.68
CA ALA A 133 -19.75 8.38 19.90
C ALA A 133 -18.80 9.57 19.81
N ASN A 134 -17.49 9.35 19.90
CA ASN A 134 -16.52 10.43 19.88
C ASN A 134 -15.85 10.62 18.53
N VAL A 135 -16.06 9.72 17.58
CA VAL A 135 -15.37 9.76 16.30
C VAL A 135 -15.98 10.83 15.42
N ASP A 136 -15.13 11.55 14.69
CA ASP A 136 -15.57 12.50 13.67
C ASP A 136 -16.05 11.71 12.45
N VAL A 137 -17.31 11.25 12.54
CA VAL A 137 -17.84 10.37 11.50
C VAL A 137 -17.91 11.09 10.16
N ALA A 138 -18.33 12.37 10.17
CA ALA A 138 -18.42 13.12 8.93
C ALA A 138 -17.08 13.18 8.20
N HIS A 139 -15.99 13.35 8.95
CA HIS A 139 -14.68 13.37 8.34
C HIS A 139 -14.38 12.05 7.63
N HIS A 140 -14.63 10.94 8.31
CA HIS A 140 -14.34 9.63 7.73
C HIS A 140 -15.35 9.26 6.66
N GLU A 141 -16.59 9.75 6.78
CA GLU A 141 -17.54 9.54 5.70
C GLU A 141 -17.06 10.20 4.41
N ARG A 142 -16.52 11.40 4.50
CA ARG A 142 -16.00 12.07 3.31
C ARG A 142 -14.85 11.29 2.70
N LYS A 143 -13.88 10.91 3.54
CA LYS A 143 -12.71 10.18 3.04
C LYS A 143 -13.09 8.85 2.41
N LEU A 144 -14.06 8.16 3.01
CA LEU A 144 -14.42 6.85 2.49
C LEU A 144 -15.40 6.95 1.34
N THR A 145 -16.27 7.97 1.33
CA THR A 145 -17.10 8.20 0.14
C THR A 145 -16.21 8.53 -1.05
N GLU A 146 -15.09 9.23 -0.80
CA GLU A 146 -14.12 9.48 -1.87
C GLU A 146 -13.62 8.18 -2.49
N ALA A 147 -13.45 7.14 -1.67
CA ALA A 147 -13.03 5.84 -2.20
C ALA A 147 -14.16 5.19 -2.98
N TYR A 148 -15.40 5.32 -2.49
CA TYR A 148 -16.55 4.84 -3.23
C TYR A 148 -16.59 5.47 -4.63
N ILE A 149 -16.40 6.79 -4.68
CA ILE A 149 -16.45 7.51 -5.94
C ILE A 149 -15.40 6.97 -6.90
N ILE A 150 -14.19 6.73 -6.40
CA ILE A 150 -13.11 6.24 -7.24
C ILE A 150 -13.44 4.85 -7.77
N MET A 151 -13.90 3.94 -6.89
CA MET A 151 -14.26 2.61 -7.35
C MET A 151 -15.41 2.67 -8.34
N GLU A 152 -16.37 3.56 -8.10
CA GLU A 152 -17.46 3.74 -9.06
C GLU A 152 -16.92 4.14 -10.43
N ARG A 153 -15.93 5.04 -10.45
CA ARG A 153 -15.33 5.43 -11.72
C ARG A 153 -14.64 4.26 -12.42
N TYR A 154 -13.89 3.44 -11.67
CA TYR A 154 -13.30 2.26 -12.28
C TYR A 154 -14.37 1.35 -12.87
N LEU A 155 -15.42 1.08 -12.12
CA LEU A 155 -16.49 0.20 -12.59
C LEU A 155 -17.33 0.82 -13.69
N GLU A 156 -17.22 2.13 -13.91
CA GLU A 156 -17.93 2.75 -15.03
C GLU A 156 -17.28 2.40 -16.35
N ASN A 157 -15.97 2.19 -16.35
CA ASN A 157 -15.22 1.87 -17.56
C ASN A 157 -14.84 0.40 -17.65
N SER A 158 -15.18 -0.41 -16.64
CA SER A 158 -14.80 -1.81 -16.59
C SER A 158 -15.84 -2.61 -15.81
N ASP A 159 -16.09 -3.85 -16.26
CA ASP A 159 -17.08 -4.69 -15.61
C ASP A 159 -16.65 -5.08 -14.20
N PHE A 160 -15.44 -5.61 -14.05
CA PHE A 160 -14.81 -5.85 -12.75
C PHE A 160 -13.78 -4.76 -12.49
N MET A 161 -13.14 -4.80 -11.31
CA MET A 161 -12.28 -3.68 -10.92
C MET A 161 -11.15 -3.43 -11.89
N ALA A 162 -10.55 -4.49 -12.42
CA ALA A 162 -9.33 -4.35 -13.21
C ALA A 162 -9.52 -4.78 -14.66
N GLY A 163 -10.76 -4.96 -15.10
CA GLY A 163 -10.99 -5.45 -16.44
C GLY A 163 -12.30 -6.19 -16.54
N PRO A 164 -12.49 -6.92 -17.64
CA PRO A 164 -13.78 -7.54 -17.94
C PRO A 164 -14.11 -8.73 -17.05
N GLN A 165 -13.23 -9.02 -16.10
CA GLN A 165 -13.13 -10.37 -15.57
C GLN A 165 -12.53 -10.38 -14.16
N LEU A 166 -12.96 -11.36 -13.36
CA LEU A 166 -12.53 -11.48 -11.97
C LEU A 166 -11.01 -11.61 -11.88
N THR A 167 -10.38 -10.76 -11.07
CA THR A 167 -8.95 -10.82 -10.83
C THR A 167 -8.67 -10.69 -9.34
N LEU A 168 -7.39 -10.84 -8.98
CA LEU A 168 -6.95 -10.62 -7.61
C LEU A 168 -7.38 -9.26 -7.08
N ALA A 169 -7.48 -8.26 -7.96
CA ALA A 169 -7.87 -6.93 -7.51
C ALA A 169 -9.25 -6.95 -6.88
N ASP A 170 -10.18 -7.72 -7.45
CA ASP A 170 -11.51 -7.80 -6.87
C ASP A 170 -11.48 -8.47 -5.51
N LEU A 171 -10.63 -9.49 -5.36
CA LEU A 171 -10.54 -10.19 -4.08
C LEU A 171 -9.99 -9.27 -3.00
N SER A 172 -8.95 -8.50 -3.34
CA SER A 172 -8.34 -7.58 -2.40
C SER A 172 -9.34 -6.51 -1.98
N ILE A 173 -10.05 -5.95 -2.96
CA ILE A 173 -10.90 -4.78 -2.72
C ILE A 173 -12.22 -5.16 -2.06
N VAL A 174 -12.81 -6.32 -2.41
CA VAL A 174 -14.17 -6.60 -1.95
C VAL A 174 -14.22 -6.79 -0.44
N THR A 175 -13.14 -7.31 0.15
CA THR A 175 -13.17 -7.55 1.60
C THR A 175 -13.18 -6.23 2.34
N THR A 176 -12.31 -5.31 1.94
CA THR A 176 -12.29 -3.99 2.57
C THR A 176 -13.55 -3.22 2.25
N LEU A 177 -14.02 -3.28 1.00
CA LEU A 177 -15.30 -2.69 0.64
C LEU A 177 -16.41 -3.13 1.59
N SER A 178 -16.55 -4.45 1.77
CA SER A 178 -17.63 -4.95 2.62
C SER A 178 -17.50 -4.43 4.04
N THR A 179 -16.26 -4.14 4.45
CA THR A 179 -16.00 -3.63 5.79
C THR A 179 -16.40 -2.17 5.91
N VAL A 180 -16.01 -1.35 4.91
CA VAL A 180 -16.49 0.04 4.86
C VAL A 180 -18.03 0.07 4.86
N ASN A 181 -18.64 -0.82 4.08
CA ASN A 181 -20.09 -0.83 3.89
C ASN A 181 -20.84 -1.30 5.12
N LEU A 182 -20.14 -1.79 6.16
CA LEU A 182 -20.80 -1.97 7.44
C LEU A 182 -21.34 -0.65 7.96
N MET A 183 -20.62 0.43 7.70
CA MET A 183 -20.95 1.77 8.17
C MET A 183 -21.66 2.60 7.12
N PHE A 184 -21.08 2.67 5.92
CA PHE A 184 -21.52 3.65 4.92
C PHE A 184 -22.26 2.99 3.78
N PRO A 185 -23.50 3.40 3.54
CA PRO A 185 -24.33 2.75 2.52
C PRO A 185 -23.81 3.03 1.12
N LEU A 186 -24.18 2.12 0.21
CA LEU A 186 -23.80 2.21 -1.19
C LEU A 186 -24.94 2.71 -2.08
N SER A 187 -25.92 3.39 -1.49
CA SER A 187 -27.13 3.79 -2.22
C SER A 187 -26.79 4.56 -3.49
N GLN A 188 -25.83 5.48 -3.43
CA GLN A 188 -25.57 6.39 -4.54
C GLN A 188 -24.58 5.83 -5.55
N PHE A 189 -24.25 4.53 -5.47
CA PHE A 189 -23.19 3.93 -6.27
C PHE A 189 -23.69 2.67 -6.95
N PRO A 190 -24.43 2.83 -8.06
CA PRO A 190 -25.05 1.66 -8.70
C PRO A 190 -24.06 0.67 -9.27
N ARG A 191 -22.97 1.14 -9.88
CA ARG A 191 -21.96 0.22 -10.39
C ARG A 191 -21.37 -0.60 -9.27
N LEU A 192 -21.02 0.08 -8.18
CA LEU A 192 -20.38 -0.61 -7.07
C LEU A 192 -21.37 -1.55 -6.36
N ARG A 193 -22.66 -1.18 -6.32
CA ARG A 193 -23.65 -2.13 -5.80
C ARG A 193 -23.76 -3.37 -6.69
N ARG A 194 -23.80 -3.18 -8.01
CA ARG A 194 -23.92 -4.30 -8.93
C ARG A 194 -22.71 -5.23 -8.82
N TRP A 195 -21.52 -4.65 -8.82
CA TRP A 195 -20.30 -5.43 -8.66
C TRP A 195 -20.27 -6.17 -7.33
N PHE A 196 -20.59 -5.46 -6.24
CA PHE A 196 -20.58 -6.09 -4.91
C PHE A 196 -21.55 -7.26 -4.88
N THR A 197 -22.77 -7.06 -5.37
CA THR A 197 -23.73 -8.16 -5.47
C THR A 197 -23.16 -9.34 -6.24
N ALA A 198 -22.45 -9.07 -7.34
CA ALA A 198 -21.88 -10.15 -8.13
C ALA A 198 -20.79 -10.88 -7.34
N MET A 199 -19.97 -10.14 -6.60
CA MET A 199 -18.98 -10.78 -5.75
C MET A 199 -19.64 -11.67 -4.70
N GLN A 200 -20.78 -11.23 -4.17
CA GLN A 200 -21.47 -12.00 -3.14
C GLN A 200 -22.07 -13.28 -3.69
N GLN A 201 -22.27 -13.37 -5.00
CA GLN A 201 -22.79 -14.61 -5.59
C GLN A 201 -21.71 -15.67 -5.71
N LEU A 202 -20.44 -15.27 -5.67
CA LEU A 202 -19.33 -16.19 -5.81
C LEU A 202 -19.27 -17.13 -4.62
N ASP A 203 -19.05 -18.42 -4.90
CA ASP A 203 -18.84 -19.39 -3.85
C ASP A 203 -17.73 -18.95 -2.90
N ALA A 204 -16.66 -18.36 -3.43
CA ALA A 204 -15.54 -17.95 -2.60
C ALA A 204 -15.91 -16.86 -1.60
N TYR A 205 -17.03 -16.15 -1.83
CA TYR A 205 -17.39 -15.06 -0.92
C TYR A 205 -17.73 -15.58 0.46
N GLU A 206 -18.04 -16.89 0.61
CA GLU A 206 -18.24 -17.45 1.94
C GLU A 206 -17.03 -17.22 2.83
N ALA A 207 -15.83 -17.18 2.25
CA ALA A 207 -14.62 -16.92 3.01
C ALA A 207 -14.55 -15.48 3.51
N ASN A 208 -15.39 -14.59 3.01
CA ASN A 208 -15.47 -13.25 3.55
C ASN A 208 -16.57 -13.10 4.58
N CYS A 209 -17.65 -13.87 4.45
N CYS A 209 -17.64 -13.90 4.46
CA CYS A 209 -18.84 -13.70 5.28
CA CYS A 209 -18.84 -13.69 5.27
C CYS A 209 -18.52 -13.79 6.77
C CYS A 209 -18.56 -13.81 6.76
N SER A 210 -17.88 -14.89 7.18
CA SER A 210 -17.75 -15.18 8.60
C SER A 210 -16.89 -14.14 9.30
N GLY A 211 -15.73 -13.83 8.74
CA GLY A 211 -14.84 -12.86 9.37
C GLY A 211 -15.43 -11.47 9.40
N LEU A 212 -16.20 -11.11 8.37
CA LEU A 212 -16.87 -9.82 8.37
C LEU A 212 -17.83 -9.71 9.54
N GLU A 213 -18.62 -10.77 9.78
CA GLU A 213 -19.58 -10.76 10.87
C GLU A 213 -18.86 -10.77 12.23
N LYS A 214 -17.76 -11.51 12.33
CA LYS A 214 -17.01 -11.49 13.58
C LYS A 214 -16.41 -10.11 13.84
N LEU A 215 -15.91 -9.45 12.80
CA LEU A 215 -15.42 -8.08 12.96
C LEU A 215 -16.54 -7.16 13.42
N ARG A 216 -17.72 -7.29 12.82
CA ARG A 216 -18.87 -6.50 13.26
C ARG A 216 -19.13 -6.69 14.75
N GLN A 217 -19.17 -7.95 15.21
CA GLN A 217 -19.42 -8.21 16.61
C GLN A 217 -18.34 -7.61 17.51
N THR A 218 -17.08 -7.74 17.09
CA THR A 218 -15.98 -7.17 17.86
C THR A 218 -16.04 -5.64 17.88
N MET A 219 -16.23 -5.02 16.72
CA MET A 219 -16.25 -3.55 16.66
C MET A 219 -17.38 -2.95 17.48
N GLU A 220 -18.58 -3.54 17.41
CA GLU A 220 -19.71 -3.01 18.15
C GLU A 220 -19.52 -3.14 19.66
N SER A 221 -18.66 -4.06 20.10
CA SER A 221 -18.35 -4.17 21.52
C SER A 221 -17.26 -3.18 21.92
N VAL A 222 -16.17 -3.13 21.15
CA VAL A 222 -15.03 -2.30 21.53
C VAL A 222 -15.36 -0.82 21.40
N GLY A 223 -15.95 -0.43 20.27
CA GLY A 223 -16.37 0.94 20.09
C GLY A 223 -17.68 1.30 20.76
N SER A 224 -18.41 0.30 21.28
N SER A 224 -18.36 0.29 21.33
CA SER A 224 -19.66 0.51 22.00
CA SER A 224 -19.65 0.41 21.99
C SER A 224 -20.68 1.26 21.13
C SER A 224 -20.63 1.21 21.14
N PHE A 225 -21.21 0.54 20.15
CA PHE A 225 -22.20 1.12 19.24
C PHE A 225 -22.83 0.01 18.40
N GLN A 226 -23.65 0.42 17.44
CA GLN A 226 -24.25 -0.49 16.47
C GLN A 226 -24.12 0.13 15.09
N PHE A 227 -23.53 -0.61 14.16
CA PHE A 227 -23.52 -0.21 12.76
C PHE A 227 -24.95 -0.03 12.27
N PRO A 228 -25.19 0.93 11.37
CA PRO A 228 -26.51 1.03 10.75
C PRO A 228 -26.79 -0.19 9.89
N SER A 229 -27.72 -1.04 10.33
CA SER A 229 -27.92 -2.33 9.65
C SER A 229 -28.34 -2.16 8.20
N SER A 230 -29.00 -1.05 7.87
CA SER A 230 -29.48 -0.82 6.51
C SER A 230 -28.35 -0.59 5.53
N SER A 231 -27.16 -0.20 6.01
CA SER A 231 -26.06 0.15 5.13
C SER A 231 -25.57 -1.07 4.34
N ALA A 232 -25.34 -2.18 5.03
CA ALA A 232 -24.71 -3.34 4.41
C ALA A 232 -25.53 -3.87 3.25
N VAL A 233 -24.87 -4.12 2.12
CA VAL A 233 -25.50 -4.72 0.95
C VAL A 233 -25.64 -6.22 1.14
C GLN B 10 5.43 3.13 -28.12
N PRO B 11 4.67 4.19 -27.85
CA PRO B 11 5.24 5.53 -27.74
C PRO B 11 5.94 5.73 -26.40
N LYS B 12 6.62 6.87 -26.30
CA LYS B 12 7.41 7.19 -25.12
C LYS B 12 6.51 7.28 -23.88
N PRO B 13 6.95 6.76 -22.74
CA PRO B 13 6.15 6.92 -21.51
C PRO B 13 6.08 8.38 -21.08
N ILE B 14 4.95 8.73 -20.46
CA ILE B 14 4.72 10.07 -19.91
C ILE B 14 4.59 9.94 -18.39
N LEU B 15 5.37 10.73 -17.66
CA LEU B 15 5.32 10.68 -16.20
C LEU B 15 4.80 12.01 -15.67
N TYR B 16 3.60 11.99 -15.08
CA TYR B 16 3.09 13.14 -14.35
C TYR B 16 3.69 13.15 -12.95
N TYR B 17 4.25 14.29 -12.55
CA TYR B 17 5.17 14.25 -11.42
C TYR B 17 5.20 15.58 -10.69
N ASP B 18 5.59 15.50 -9.43
CA ASP B 18 6.04 16.63 -8.63
C ASP B 18 7.18 16.08 -7.81
N GLU B 19 8.41 16.60 -8.03
CA GLU B 19 9.54 15.88 -7.47
C GLU B 19 9.64 16.03 -5.95
N ARG B 20 8.79 16.84 -5.34
CA ARG B 20 8.69 16.83 -3.89
C ARG B 20 8.14 15.50 -3.37
N SER B 21 7.38 14.78 -4.19
CA SER B 21 6.80 13.48 -3.80
C SER B 21 7.86 12.40 -3.70
N PRO B 22 8.01 11.73 -2.55
CA PRO B 22 8.97 10.62 -2.47
C PRO B 22 8.68 9.54 -3.49
N PRO B 23 7.42 9.12 -3.68
CA PRO B 23 7.16 8.09 -4.71
C PRO B 23 7.55 8.56 -6.10
N VAL B 24 7.41 9.85 -6.39
CA VAL B 24 7.90 10.39 -7.66
C VAL B 24 9.39 10.17 -7.77
N ARG B 25 10.13 10.51 -6.71
CA ARG B 25 11.58 10.44 -6.79
C ARG B 25 12.07 9.01 -6.98
N SER B 26 11.35 8.03 -6.43
CA SER B 26 11.73 6.65 -6.69
C SER B 26 11.68 6.35 -8.17
N CYS B 27 10.60 6.79 -8.85
CA CYS B 27 10.49 6.61 -10.29
C CYS B 27 11.57 7.38 -11.03
N LEU B 28 11.85 8.62 -10.61
CA LEU B 28 12.90 9.41 -11.24
C LEU B 28 14.25 8.70 -11.12
N MET B 29 14.50 8.06 -9.98
CA MET B 29 15.75 7.35 -9.76
C MET B 29 15.86 6.16 -10.71
N LEU B 30 14.77 5.38 -10.83
CA LEU B 30 14.77 4.25 -11.74
C LEU B 30 14.99 4.72 -13.18
N ILE B 31 14.35 5.82 -13.56
CA ILE B 31 14.47 6.34 -14.92
C ILE B 31 15.93 6.70 -15.21
N LYS B 32 16.59 7.35 -14.26
CA LYS B 32 17.99 7.67 -14.43
C LYS B 32 18.85 6.40 -14.42
N LEU B 33 18.54 5.46 -13.54
CA LEU B 33 19.32 4.22 -13.48
C LEU B 33 19.25 3.45 -14.80
N LEU B 34 18.08 3.43 -15.43
CA LEU B 34 17.87 2.65 -16.64
C LEU B 34 17.92 3.48 -17.91
N ASP B 35 18.27 4.77 -17.81
CA ASP B 35 18.35 5.65 -18.97
C ASP B 35 17.05 5.65 -19.79
N ILE B 36 15.92 5.72 -19.11
CA ILE B 36 14.63 5.63 -19.80
C ILE B 36 14.27 7.00 -20.34
N ASP B 37 13.96 7.04 -21.64
CA ASP B 37 13.48 8.28 -22.25
C ASP B 37 12.01 8.43 -21.91
N VAL B 38 11.68 9.40 -21.06
CA VAL B 38 10.30 9.66 -20.65
C VAL B 38 10.00 11.13 -20.87
N GLU B 39 8.73 11.43 -21.10
CA GLU B 39 8.27 12.81 -21.15
C GLU B 39 7.75 13.18 -19.76
N LEU B 40 8.41 14.13 -19.11
CA LEU B 40 7.96 14.60 -17.81
C LEU B 40 6.90 15.67 -17.98
N ARG B 41 5.86 15.59 -17.16
CA ARG B 41 4.81 16.60 -17.09
C ARG B 41 4.61 17.01 -15.64
N PHE B 42 4.89 18.26 -15.32
CA PHE B 42 4.86 18.74 -13.95
C PHE B 42 3.43 19.06 -13.51
N VAL B 43 3.05 18.50 -12.37
CA VAL B 43 1.75 18.74 -11.73
C VAL B 43 2.04 19.37 -10.38
N ASN B 44 1.75 20.66 -10.25
CA ASN B 44 2.11 21.39 -9.03
C ASN B 44 1.13 21.04 -7.92
N LEU B 45 1.56 20.18 -7.00
CA LEU B 45 0.70 19.78 -5.90
C LEU B 45 0.44 20.95 -4.95
N PHE B 46 1.41 21.86 -4.81
CA PHE B 46 1.22 23.00 -3.93
C PHE B 46 0.11 23.91 -4.41
N LYS B 47 -0.15 23.93 -5.72
CA LYS B 47 -1.27 24.68 -6.26
C LYS B 47 -2.44 23.78 -6.64
N GLY B 48 -2.49 22.56 -6.10
CA GLY B 48 -3.65 21.70 -6.27
C GLY B 48 -3.94 21.30 -7.70
N GLU B 49 -2.92 21.25 -8.56
CA GLU B 49 -3.15 20.93 -9.96
C GLU B 49 -3.53 19.46 -10.16
N GLN B 50 -3.30 18.60 -9.16
CA GLN B 50 -3.75 17.21 -9.26
C GLN B 50 -5.26 17.10 -9.30
N PHE B 51 -5.97 18.17 -8.95
CA PHE B 51 -7.43 18.19 -8.99
C PHE B 51 -7.97 18.81 -10.27
N GLN B 52 -7.10 19.17 -11.20
CA GLN B 52 -7.55 19.69 -12.48
C GLN B 52 -8.37 18.64 -13.22
N LYS B 53 -9.44 19.10 -13.89
CA LYS B 53 -10.45 18.20 -14.45
C LYS B 53 -9.81 17.09 -15.28
N ASP B 54 -8.88 17.44 -16.16
CA ASP B 54 -8.30 16.44 -17.04
C ASP B 54 -7.43 15.45 -16.25
N PHE B 55 -6.79 15.90 -15.19
CA PHE B 55 -5.94 14.97 -14.45
C PHE B 55 -6.75 14.04 -13.54
N LEU B 56 -7.79 14.56 -12.87
CA LEU B 56 -8.72 13.67 -12.17
C LEU B 56 -9.36 12.65 -13.11
N ALA B 57 -9.68 13.07 -14.33
CA ALA B 57 -10.22 12.11 -15.29
C ALA B 57 -9.22 11.00 -15.56
N LEU B 58 -7.94 11.34 -15.59
CA LEU B 58 -6.88 10.36 -15.85
C LEU B 58 -6.61 9.49 -14.63
N ASN B 59 -6.53 10.11 -13.45
CA ASN B 59 -6.26 9.43 -12.19
C ASN B 59 -7.23 9.93 -11.13
N PRO B 60 -8.34 9.23 -10.90
CA PRO B 60 -9.29 9.67 -9.86
C PRO B 60 -8.70 9.72 -8.45
N GLN B 61 -7.54 9.11 -8.23
CA GLN B 61 -6.84 9.24 -6.95
C GLN B 61 -6.07 10.54 -6.83
N HIS B 62 -6.03 11.34 -7.89
CA HIS B 62 -5.35 12.65 -7.93
C HIS B 62 -3.98 12.59 -7.25
N SER B 63 -3.14 11.66 -7.71
CA SER B 63 -1.85 11.43 -7.09
C SER B 63 -0.75 11.41 -8.12
N VAL B 64 0.46 11.80 -7.70
CA VAL B 64 1.66 11.59 -8.49
C VAL B 64 2.62 10.70 -7.72
N PRO B 65 3.39 9.84 -8.39
CA PRO B 65 3.48 9.72 -9.85
C PRO B 65 2.29 9.04 -10.52
N THR B 66 2.00 9.47 -11.73
CA THR B 66 1.08 8.79 -12.64
C THR B 66 1.83 8.57 -13.94
N LEU B 67 1.79 7.36 -14.47
CA LEU B 67 2.46 7.06 -15.73
C LEU B 67 1.43 6.74 -16.80
N VAL B 68 1.56 7.38 -17.96
CA VAL B 68 0.81 7.01 -19.15
C VAL B 68 1.80 6.42 -20.14
N HIS B 69 1.62 5.16 -20.48
CA HIS B 69 2.49 4.47 -21.43
C HIS B 69 1.57 3.79 -22.45
N GLY B 70 1.39 4.43 -23.60
CA GLY B 70 0.37 3.95 -24.52
C GLY B 70 -1.00 4.09 -23.88
N ASP B 71 -1.77 2.99 -23.91
CA ASP B 71 -3.08 2.97 -23.29
C ASP B 71 -3.02 2.62 -21.80
N LEU B 72 -1.86 2.25 -21.28
CA LEU B 72 -1.73 1.86 -19.88
C LEU B 72 -1.55 3.08 -19.00
N VAL B 73 -2.40 3.20 -17.98
CA VAL B 73 -2.35 4.32 -17.04
C VAL B 73 -2.10 3.75 -15.65
N LEU B 74 -0.93 4.03 -15.09
CA LEU B 74 -0.54 3.52 -13.78
C LEU B 74 -0.56 4.66 -12.77
N THR B 75 -1.16 4.41 -11.62
CA THR B 75 -1.47 5.46 -10.65
C THR B 75 -0.82 5.18 -9.31
N ASP B 76 0.27 4.43 -9.32
CA ASP B 76 0.98 4.11 -8.10
C ASP B 76 2.44 3.86 -8.42
N SER B 77 3.34 4.47 -7.66
CA SER B 77 4.76 4.35 -7.93
C SER B 77 5.23 2.90 -7.96
N HIS B 78 4.66 2.05 -7.11
CA HIS B 78 5.16 0.68 -7.04
C HIS B 78 4.83 -0.10 -8.30
N ALA B 79 3.64 0.14 -8.88
CA ALA B 79 3.33 -0.44 -10.19
C ALA B 79 4.18 0.17 -11.28
N ILE B 80 4.42 1.49 -11.21
CA ILE B 80 5.25 2.12 -12.22
C ILE B 80 6.67 1.56 -12.20
N LEU B 81 7.25 1.38 -11.01
CA LEU B 81 8.59 0.81 -10.90
C LEU B 81 8.64 -0.57 -11.53
N ILE B 82 7.68 -1.42 -11.20
CA ILE B 82 7.65 -2.78 -11.73
C ILE B 82 7.48 -2.76 -13.24
N HIS B 83 6.52 -1.96 -13.72
CA HIS B 83 6.28 -1.85 -15.15
C HIS B 83 7.53 -1.39 -15.90
N LEU B 84 8.16 -0.32 -15.42
CA LEU B 84 9.35 0.19 -16.10
C LEU B 84 10.48 -0.83 -16.10
N ALA B 85 10.72 -1.49 -14.97
CA ALA B 85 11.74 -2.54 -14.91
C ALA B 85 11.43 -3.67 -15.88
N GLU B 86 10.17 -4.11 -15.94
CA GLU B 86 9.83 -5.19 -16.84
C GLU B 86 9.98 -4.79 -18.30
N LYS B 87 9.69 -3.54 -18.65
CA LYS B 87 9.78 -3.19 -20.06
C LYS B 87 11.14 -2.71 -20.47
N PHE B 88 11.92 -2.13 -19.54
CA PHE B 88 13.19 -1.54 -19.92
C PHE B 88 14.39 -2.21 -19.26
N ASP B 89 14.18 -3.24 -18.45
CA ASP B 89 15.30 -3.88 -17.74
C ASP B 89 15.09 -5.38 -17.66
N GLU B 90 14.55 -5.98 -18.71
CA GLU B 90 14.38 -7.42 -18.76
C GLU B 90 15.74 -8.10 -18.57
N GLY B 91 15.82 -8.98 -17.59
CA GLY B 91 17.09 -9.60 -17.24
C GLY B 91 17.95 -8.80 -16.29
N GLY B 92 17.39 -7.77 -15.65
CA GLY B 92 18.13 -7.00 -14.66
C GLY B 92 18.02 -7.61 -13.28
N SER B 93 18.74 -7.01 -12.34
CA SER B 93 18.68 -7.43 -10.95
C SER B 93 17.70 -6.60 -10.13
N LEU B 94 17.25 -5.46 -10.64
CA LEU B 94 16.34 -4.61 -9.88
C LEU B 94 15.01 -5.30 -9.63
N TRP B 95 14.54 -6.09 -10.58
CA TRP B 95 13.27 -6.79 -10.49
C TRP B 95 13.58 -8.25 -10.83
N PRO B 96 14.04 -9.03 -9.85
CA PRO B 96 14.61 -10.34 -10.13
C PRO B 96 13.65 -11.27 -10.86
N GLN B 97 14.21 -12.04 -11.79
CA GLN B 97 13.40 -13.01 -12.53
C GLN B 97 13.03 -14.21 -11.67
N GLU B 98 13.89 -14.58 -10.72
CA GLU B 98 13.60 -15.72 -9.87
C GLU B 98 12.45 -15.41 -8.92
N HIS B 99 11.51 -16.35 -8.79
CA HIS B 99 10.23 -16.06 -8.15
C HIS B 99 10.40 -15.67 -6.68
N ALA B 100 11.19 -16.43 -5.92
CA ALA B 100 11.35 -16.11 -4.50
C ALA B 100 11.98 -14.73 -4.33
N GLU B 101 13.01 -14.43 -5.10
CA GLU B 101 13.65 -13.13 -4.99
C GLU B 101 12.69 -12.03 -5.42
N ARG B 102 11.91 -12.26 -6.47
CA ARG B 102 10.94 -11.27 -6.90
C ARG B 102 9.87 -11.03 -5.84
N MET B 103 9.40 -12.11 -5.19
CA MET B 103 8.39 -11.93 -4.15
C MET B 103 8.96 -11.15 -2.98
N LYS B 104 10.25 -11.33 -2.71
CA LYS B 104 10.83 -10.61 -1.57
C LYS B 104 10.93 -9.13 -1.88
N VAL B 105 11.21 -8.78 -3.15
CA VAL B 105 11.20 -7.35 -3.54
C VAL B 105 9.79 -6.80 -3.44
N LEU B 106 8.82 -7.54 -3.98
CA LEU B 106 7.43 -7.13 -3.93
C LEU B 106 6.96 -6.90 -2.51
N ASN B 107 7.35 -7.80 -1.60
CA ASN B 107 6.97 -7.69 -0.20
C ASN B 107 7.45 -6.37 0.40
N LEU B 108 8.69 -5.98 0.08
N LEU B 108 8.67 -5.97 0.06
CA LEU B 108 9.23 -4.73 0.61
CA LEU B 108 9.21 -4.74 0.63
C LEU B 108 8.60 -3.52 -0.05
C LEU B 108 8.65 -3.50 -0.07
N LEU B 109 8.29 -3.61 -1.35
CA LEU B 109 7.57 -2.51 -1.99
C LEU B 109 6.25 -2.26 -1.30
N LEU B 110 5.57 -3.35 -0.88
CA LEU B 110 4.30 -3.19 -0.18
C LEU B 110 4.50 -2.67 1.24
N PHE B 111 5.60 -3.06 1.91
CA PHE B 111 5.94 -2.44 3.18
C PHE B 111 6.08 -0.94 3.02
N GLU B 112 6.67 -0.50 1.91
CA GLU B 112 6.79 0.94 1.70
C GLU B 112 5.41 1.59 1.59
N CYS B 113 4.49 0.97 0.84
CA CYS B 113 3.13 1.51 0.75
C CYS B 113 2.40 1.42 2.08
N SER B 114 2.44 0.25 2.71
CA SER B 114 1.56 -0.04 3.83
C SER B 114 2.03 0.60 5.14
N PHE B 115 3.34 0.74 5.31
CA PHE B 115 3.92 1.09 6.60
C PHE B 115 4.73 2.37 6.52
N LEU B 116 5.83 2.37 5.74
CA LEU B 116 6.77 3.50 5.76
C LEU B 116 6.13 4.77 5.23
N PHE B 117 5.64 4.74 3.99
CA PHE B 117 5.05 5.96 3.42
C PHE B 117 3.79 6.37 4.16
N ARG B 118 2.95 5.40 4.55
CA ARG B 118 1.72 5.74 5.27
C ARG B 118 2.04 6.55 6.52
N ARG B 119 3.03 6.11 7.30
CA ARG B 119 3.35 6.80 8.53
C ARG B 119 4.03 8.15 8.27
N ASP B 120 4.89 8.22 7.25
CA ASP B 120 5.49 9.51 6.94
C ASP B 120 4.45 10.47 6.40
N SER B 121 3.53 9.97 5.57
CA SER B 121 2.41 10.78 5.08
C SER B 121 1.57 11.32 6.22
N ASP B 122 1.25 10.47 7.21
CA ASP B 122 0.51 10.92 8.38
C ASP B 122 1.22 12.08 9.06
N PHE B 123 2.51 11.90 9.33
CA PHE B 123 3.29 12.95 9.97
C PHE B 123 3.30 14.22 9.13
N MET B 124 3.63 14.08 7.85
CA MET B 124 3.81 15.26 7.01
C MET B 124 2.49 16.01 6.82
N SER B 125 1.38 15.28 6.69
CA SER B 125 0.10 15.93 6.55
C SER B 125 -0.31 16.66 7.82
N ALA B 126 0.10 16.14 8.98
CA ALA B 126 -0.20 16.83 10.24
C ALA B 126 0.56 18.14 10.35
N ILE B 127 1.75 18.23 9.76
CA ILE B 127 2.54 19.47 9.82
C ILE B 127 1.84 20.57 9.04
N VAL B 128 1.27 20.25 7.89
CA VAL B 128 0.63 21.25 7.07
C VAL B 128 -0.82 21.51 7.47
N ARG B 129 -1.46 20.59 8.18
CA ARG B 129 -2.83 20.77 8.64
C ARG B 129 -2.87 21.53 9.98
N GLN B 130 -2.25 20.97 11.02
CA GLN B 130 -2.27 21.57 12.33
C GLN B 130 -1.20 22.64 12.52
N GLY B 131 -0.18 22.66 11.67
CA GLY B 131 0.99 23.50 11.91
C GLY B 131 2.04 22.74 12.68
N PHE B 132 3.32 22.96 12.37
CA PHE B 132 4.38 22.21 13.03
C PHE B 132 4.35 22.39 14.55
N ALA B 133 4.07 23.61 15.01
CA ALA B 133 4.03 23.86 16.45
C ALA B 133 2.94 23.06 17.14
N ASN B 134 1.94 22.57 16.40
CA ASN B 134 0.82 21.86 16.98
C ASN B 134 0.87 20.35 16.72
N VAL B 135 1.97 19.85 16.18
CA VAL B 135 2.09 18.44 15.85
C VAL B 135 2.54 17.66 17.09
N ASP B 136 1.91 16.50 17.32
CA ASP B 136 2.35 15.58 18.36
C ASP B 136 3.62 14.88 17.87
N VAL B 137 4.73 15.59 17.98
CA VAL B 137 6.00 15.10 17.43
C VAL B 137 6.37 13.75 18.03
N ALA B 138 6.12 13.57 19.33
CA ALA B 138 6.51 12.32 19.99
C ALA B 138 5.76 11.13 19.39
N HIS B 139 4.46 11.31 19.14
CA HIS B 139 3.64 10.25 18.55
C HIS B 139 4.20 9.80 17.21
N HIS B 140 4.48 10.75 16.32
CA HIS B 140 4.99 10.41 15.00
C HIS B 140 6.42 9.91 15.07
N GLU B 141 7.25 10.48 15.96
CA GLU B 141 8.58 9.94 16.15
C GLU B 141 8.52 8.46 16.55
N ARG B 142 7.57 8.10 17.41
N ARG B 142 7.56 8.10 17.39
CA ARG B 142 7.41 6.69 17.77
CA ARG B 142 7.39 6.71 17.78
C ARG B 142 7.00 5.87 16.55
C ARG B 142 6.95 5.85 16.59
N LYS B 143 6.01 6.36 15.79
CA LYS B 143 5.54 5.61 14.62
C LYS B 143 6.64 5.44 13.59
N LEU B 144 7.42 6.50 13.35
CA LEU B 144 8.44 6.45 12.32
C LEU B 144 9.70 5.74 12.82
N THR B 145 10.03 5.85 14.11
CA THR B 145 11.15 5.09 14.64
C THR B 145 10.87 3.58 14.54
N GLU B 146 9.60 3.19 14.71
N GLU B 146 9.60 3.19 14.70
CA GLU B 146 9.23 1.79 14.50
CA GLU B 146 9.25 1.79 14.50
C GLU B 146 9.59 1.33 13.10
C GLU B 146 9.61 1.32 13.09
N ALA B 147 9.36 2.17 12.09
CA ALA B 147 9.73 1.82 10.73
C ALA B 147 11.25 1.67 10.61
N TYR B 148 12.00 2.57 11.25
CA TYR B 148 13.46 2.45 11.29
C TYR B 148 13.87 1.10 11.85
N ILE B 149 13.24 0.70 12.96
CA ILE B 149 13.58 -0.57 13.61
C ILE B 149 13.34 -1.74 12.65
N ILE B 150 12.24 -1.68 11.90
CA ILE B 150 11.89 -2.78 11.01
C ILE B 150 12.90 -2.88 9.87
N MET B 151 13.26 -1.74 9.26
CA MET B 151 14.24 -1.76 8.18
C MET B 151 15.61 -2.21 8.69
N GLU B 152 15.99 -1.76 9.88
CA GLU B 152 17.23 -2.23 10.50
C GLU B 152 17.24 -3.75 10.58
N ARG B 153 16.09 -4.37 10.90
CA ARG B 153 16.02 -5.83 10.93
C ARG B 153 16.09 -6.42 9.53
N TYR B 154 15.44 -5.78 8.55
CA TYR B 154 15.51 -6.26 7.17
C TYR B 154 16.95 -6.29 6.66
N LEU B 155 17.80 -5.41 7.18
CA LEU B 155 19.17 -5.28 6.69
C LEU B 155 20.12 -6.21 7.41
N GLU B 156 19.61 -7.02 8.34
CA GLU B 156 20.46 -7.85 9.18
C GLU B 156 21.35 -8.76 8.35
N ASN B 157 20.77 -9.45 7.38
CA ASN B 157 21.50 -10.46 6.62
C ASN B 157 21.99 -9.98 5.26
N SER B 158 21.66 -8.75 4.85
CA SER B 158 21.92 -8.33 3.48
C SER B 158 22.33 -6.87 3.43
N ASP B 159 23.10 -6.53 2.39
CA ASP B 159 23.53 -5.15 2.18
C ASP B 159 22.39 -4.26 1.69
N PHE B 160 21.37 -4.84 1.09
CA PHE B 160 20.24 -4.08 0.55
C PHE B 160 18.94 -4.64 1.09
N MET B 161 17.85 -3.88 0.87
CA MET B 161 16.61 -4.17 1.59
C MET B 161 16.05 -5.55 1.26
N ALA B 162 16.22 -6.01 0.01
CA ALA B 162 15.63 -7.26 -0.45
C ALA B 162 16.66 -8.33 -0.76
N GLY B 163 17.92 -8.13 -0.37
CA GLY B 163 18.94 -9.10 -0.63
C GLY B 163 20.30 -8.48 -0.84
N PRO B 164 21.20 -9.21 -1.51
CA PRO B 164 22.59 -8.73 -1.65
C PRO B 164 22.76 -7.64 -2.69
N GLN B 165 21.75 -7.36 -3.51
CA GLN B 165 21.87 -6.44 -4.62
C GLN B 165 20.73 -5.42 -4.59
N LEU B 166 21.00 -4.28 -5.22
CA LEU B 166 20.02 -3.21 -5.33
C LEU B 166 18.79 -3.68 -6.09
N THR B 167 17.60 -3.44 -5.53
CA THR B 167 16.36 -3.79 -6.19
C THR B 167 15.43 -2.60 -6.16
N LEU B 168 14.27 -2.76 -6.84
CA LEU B 168 13.24 -1.74 -6.79
C LEU B 168 12.86 -1.39 -5.34
N ALA B 169 12.95 -2.35 -4.42
CA ALA B 169 12.59 -2.04 -3.04
C ALA B 169 13.47 -0.92 -2.48
N ASP B 170 14.75 -0.93 -2.83
CA ASP B 170 15.64 0.12 -2.34
C ASP B 170 15.27 1.48 -2.92
N LEU B 171 14.91 1.54 -4.20
CA LEU B 171 14.55 2.81 -4.81
C LEU B 171 13.28 3.38 -4.16
N SER B 172 12.28 2.52 -3.94
CA SER B 172 11.04 2.95 -3.32
C SER B 172 11.28 3.44 -1.90
N ILE B 173 12.07 2.70 -1.12
CA ILE B 173 12.22 2.99 0.29
C ILE B 173 13.13 4.19 0.54
N VAL B 174 14.21 4.31 -0.25
CA VAL B 174 15.23 5.32 0.06
C VAL B 174 14.65 6.73 -0.04
N THR B 175 13.72 6.96 -0.97
CA THR B 175 13.20 8.32 -1.14
C THR B 175 12.33 8.72 0.03
N THR B 176 11.47 7.81 0.49
CA THR B 176 10.69 8.10 1.68
C THR B 176 11.58 8.18 2.91
N LEU B 177 12.58 7.29 3.00
N LEU B 177 12.58 7.30 3.00
CA LEU B 177 13.51 7.31 4.12
CA LEU B 177 13.48 7.32 4.15
C LEU B 177 14.24 8.64 4.21
C LEU B 177 14.25 8.64 4.22
N SER B 178 14.77 9.12 3.09
CA SER B 178 15.46 10.40 3.08
C SER B 178 14.53 11.53 3.52
N THR B 179 13.23 11.39 3.24
CA THR B 179 12.24 12.36 3.65
C THR B 179 11.94 12.24 5.14
N VAL B 180 11.88 11.02 5.66
CA VAL B 180 11.80 10.85 7.11
C VAL B 180 13.05 11.41 7.77
N ASN B 181 14.21 11.17 7.16
CA ASN B 181 15.50 11.58 7.72
C ASN B 181 15.66 13.10 7.76
N LEU B 182 14.76 13.85 7.14
CA LEU B 182 14.75 15.31 7.32
C LEU B 182 14.52 15.66 8.77
N MET B 183 13.80 14.80 9.48
CA MET B 183 13.26 15.05 10.80
C MET B 183 13.80 14.11 11.87
N PHE B 184 14.26 12.92 11.48
CA PHE B 184 14.71 11.91 12.43
C PHE B 184 16.01 11.28 11.95
N PRO B 185 17.13 11.52 12.64
CA PRO B 185 18.42 10.98 12.20
C PRO B 185 18.47 9.47 12.32
N LEU B 186 19.43 8.89 11.60
CA LEU B 186 19.67 7.45 11.58
C LEU B 186 20.85 7.05 12.46
N SER B 187 21.18 7.89 13.44
CA SER B 187 22.36 7.66 14.26
C SER B 187 22.29 6.32 14.98
N GLN B 188 21.09 5.94 15.43
CA GLN B 188 20.93 4.76 16.26
C GLN B 188 20.83 3.47 15.46
N PHE B 189 20.74 3.55 14.14
CA PHE B 189 20.53 2.37 13.30
C PHE B 189 21.72 2.17 12.37
N PRO B 190 22.70 1.37 12.80
CA PRO B 190 23.96 1.29 12.03
C PRO B 190 23.80 0.69 10.66
N ARG B 191 23.02 -0.39 10.54
CA ARG B 191 22.81 -0.99 9.22
C ARG B 191 22.10 -0.02 8.30
N LEU B 192 21.08 0.66 8.84
CA LEU B 192 20.29 1.59 8.04
C LEU B 192 21.09 2.82 7.65
N ARG B 193 21.93 3.32 8.57
N ARG B 193 21.94 3.31 8.57
CA ARG B 193 22.81 4.44 8.25
CA ARG B 193 22.80 4.45 8.21
C ARG B 193 23.83 4.04 7.19
C ARG B 193 23.84 4.04 7.17
N ARG B 194 24.39 2.82 7.31
CA ARG B 194 25.33 2.33 6.31
C ARG B 194 24.65 2.25 4.95
N TRP B 195 23.44 1.71 4.93
CA TRP B 195 22.69 1.53 3.69
C TRP B 195 22.32 2.88 3.08
N PHE B 196 21.86 3.82 3.90
CA PHE B 196 21.46 5.12 3.38
C PHE B 196 22.66 5.83 2.77
N THR B 197 23.83 5.65 3.38
CA THR B 197 25.04 6.28 2.86
C THR B 197 25.46 5.62 1.56
N ALA B 198 25.35 4.30 1.47
CA ALA B 198 25.66 3.60 0.23
C ALA B 198 24.71 4.03 -0.89
N MET B 199 23.42 4.17 -0.59
CA MET B 199 22.47 4.64 -1.60
C MET B 199 22.83 6.03 -2.12
N GLN B 200 23.37 6.90 -1.26
CA GLN B 200 23.72 8.26 -1.67
C GLN B 200 24.93 8.29 -2.60
N GLN B 201 25.72 7.22 -2.63
CA GLN B 201 26.86 7.16 -3.54
C GLN B 201 26.45 6.76 -4.95
N LEU B 202 25.21 6.31 -5.14
CA LEU B 202 24.73 5.96 -6.47
C LEU B 202 24.58 7.21 -7.32
N ASP B 203 25.01 7.12 -8.59
CA ASP B 203 24.75 8.22 -9.51
C ASP B 203 23.26 8.52 -9.59
N ALA B 204 22.42 7.48 -9.56
CA ALA B 204 20.98 7.66 -9.65
C ALA B 204 20.42 8.45 -8.48
N TYR B 205 21.09 8.43 -7.32
CA TYR B 205 20.55 9.15 -6.17
C TYR B 205 20.48 10.65 -6.42
N GLU B 206 21.22 11.16 -7.41
CA GLU B 206 21.11 12.57 -7.76
C GLU B 206 19.67 12.93 -8.11
N ALA B 207 18.91 11.99 -8.68
CA ALA B 207 17.51 12.22 -8.99
C ALA B 207 16.67 12.46 -7.74
N ASN B 208 17.17 12.06 -6.56
CA ASN B 208 16.45 12.30 -5.32
C ASN B 208 16.79 13.63 -4.68
N CYS B 209 17.96 14.19 -5.01
CA CYS B 209 18.46 15.37 -4.30
C CYS B 209 17.54 16.58 -4.50
N SER B 210 17.27 16.92 -5.76
CA SER B 210 16.54 18.15 -6.05
C SER B 210 15.18 18.18 -5.36
N GLY B 211 14.41 17.10 -5.49
CA GLY B 211 13.06 17.11 -4.95
C GLY B 211 13.02 17.07 -3.44
N LEU B 212 13.97 16.37 -2.82
CA LEU B 212 14.05 16.35 -1.36
C LEU B 212 14.23 17.76 -0.82
N GLU B 213 15.17 18.50 -1.39
N GLU B 213 15.17 18.51 -1.40
CA GLU B 213 15.42 19.87 -0.94
CA GLU B 213 15.42 19.87 -0.94
C GLU B 213 14.22 20.76 -1.23
C GLU B 213 14.24 20.78 -1.24
N LYS B 214 13.60 20.62 -2.40
CA LYS B 214 12.42 21.40 -2.72
C LYS B 214 11.30 21.12 -1.72
N LEU B 215 11.16 19.87 -1.29
CA LEU B 215 10.18 19.54 -0.26
C LEU B 215 10.56 20.19 1.08
N ARG B 216 11.83 20.06 1.46
CA ARG B 216 12.32 20.69 2.69
C ARG B 216 11.98 22.16 2.72
N GLN B 217 12.29 22.88 1.64
CA GLN B 217 11.98 24.31 1.56
C GLN B 217 10.49 24.56 1.67
N THR B 218 9.69 23.81 0.91
CA THR B 218 8.23 23.95 0.99
C THR B 218 7.73 23.61 2.39
N MET B 219 8.27 22.57 3.01
CA MET B 219 7.80 22.17 4.33
C MET B 219 8.23 23.17 5.39
N GLU B 220 9.51 23.55 5.40
CA GLU B 220 9.98 24.53 6.37
C GLU B 220 9.27 25.85 6.23
N SER B 221 8.71 26.15 5.06
CA SER B 221 7.99 27.40 4.85
C SER B 221 6.55 27.30 5.36
N VAL B 222 5.81 26.30 4.88
CA VAL B 222 4.42 26.13 5.32
C VAL B 222 4.37 25.73 6.79
N GLY B 223 5.28 24.86 7.23
CA GLY B 223 5.36 24.47 8.62
C GLY B 223 6.01 25.48 9.55
N SER B 224 6.65 26.51 8.99
CA SER B 224 7.20 27.62 9.77
C SER B 224 8.23 27.14 10.80
N PHE B 225 9.07 26.20 10.39
CA PHE B 225 10.05 25.58 11.26
C PHE B 225 11.32 25.30 10.48
N GLN B 226 12.28 24.67 11.14
CA GLN B 226 13.53 24.26 10.50
C GLN B 226 13.72 22.77 10.79
N PHE B 227 14.05 21.99 9.77
CA PHE B 227 14.53 20.65 10.04
C PHE B 227 15.96 20.70 10.57
N PRO B 228 16.29 19.91 11.60
CA PRO B 228 17.64 19.87 12.19
C PRO B 228 18.73 19.44 11.20
#